data_7OF8
#
_entry.id   7OF8
#
_cell.length_a   104.320
_cell.length_b   104.320
_cell.length_c   55.986
_cell.angle_alpha   90.000
_cell.angle_beta   90.000
_cell.angle_gamma   120.000
#
_symmetry.space_group_name_H-M   'P 61'
#
loop_
_entity.id
_entity.type
_entity.pdbx_description
1 polymer 'Kelch-like ECH-associated protein 1'
2 non-polymer '(2~{S})-2-cyclopentyl-2-oxidanyl-2-phenyl-ethanoic acid'
3 water water
#
_entity_poly.entity_id   1
_entity_poly.type   'polypeptide(L)'
_entity_poly.pdbx_seq_one_letter_code
;GPKVGRLIYTAGGYFRQSLSYLEAYNPSNGSWLRLADLQVPRSGLAGCVVGGLLYAVGGRNNSPDGNTDSSALDCYNPMT
NQWSPCASMSVPRNRIGVGVIDGHIYAVGGSHGCIHHSSVERYEPERDEWHLVAPMLTRRIGVGVAVLNRLLYAVGGFDG
TNRLNSAECYYPERNEWRMITPMNTIRSGAGVCVLHNCIYAAGGYDGQDQLNSVERYDVETETWTFVAPMRHHRSALGIT
VHQGKIYVLGGYDGHTFLDSVECYDPDSDTWSEVTRMTSGRSGVGVAVTMEPCRKQIDQQNCTC
;
_entity_poly.pdbx_strand_id   A
#
loop_
_chem_comp.id
_chem_comp.type
_chem_comp.name
_chem_comp.formula
VCQ non-polymer '(2~{S})-2-cyclopentyl-2-oxidanyl-2-phenyl-ethanoic acid' 'C13 H16 O3'
#
# COMPACT_ATOMS: atom_id res chain seq x y z
N GLY A 5 -0.80 11.94 -12.11
CA GLY A 5 -2.08 12.63 -12.05
C GLY A 5 -2.06 13.98 -11.35
N ARG A 6 -2.95 14.20 -10.39
CA ARG A 6 -3.06 15.53 -9.81
C ARG A 6 -3.42 15.47 -8.34
N LEU A 7 -4.20 14.46 -7.92
CA LEU A 7 -4.61 14.35 -6.53
C LEU A 7 -4.18 13.04 -5.87
N ILE A 8 -3.87 13.11 -4.58
CA ILE A 8 -3.54 11.95 -3.78
C ILE A 8 -4.84 11.51 -3.10
N TYR A 9 -5.31 10.34 -3.45
CA TYR A 9 -6.55 9.77 -2.88
C TYR A 9 -6.20 8.81 -1.74
N THR A 10 -6.92 8.94 -0.59
CA THR A 10 -6.78 7.99 0.51
C THR A 10 -8.17 7.35 0.72
N ALA A 11 -8.20 6.05 0.78
CA ALA A 11 -9.42 5.27 0.84
C ALA A 11 -9.36 4.37 2.07
N GLY A 12 -10.49 4.34 2.81
CA GLY A 12 -10.61 3.42 3.92
C GLY A 12 -9.71 3.76 5.07
N GLY A 13 -9.34 2.73 5.81
CA GLY A 13 -8.47 2.87 6.95
C GLY A 13 -9.17 2.40 8.23
N TYR A 14 -8.51 2.68 9.33
CA TYR A 14 -8.91 2.18 10.64
C TYR A 14 -8.72 3.23 11.72
N PHE A 15 -9.81 3.50 12.47
CA PHE A 15 -9.71 4.23 13.74
C PHE A 15 -10.93 3.77 14.55
N ARG A 16 -10.71 2.96 15.60
CA ARG A 16 -11.77 2.37 16.40
C ARG A 16 -12.50 1.26 15.64
N GLN A 17 -12.71 1.46 14.34
CA GLN A 17 -13.28 0.44 13.46
C GLN A 17 -12.82 0.77 12.06
N SER A 18 -13.04 -0.18 11.12
CA SER A 18 -12.72 0.10 9.73
C SER A 18 -13.59 1.22 9.20
N LEU A 19 -13.03 2.02 8.28
CA LEU A 19 -13.60 3.27 7.79
C LEU A 19 -13.98 3.18 6.32
N SER A 20 -14.95 4.03 5.92
CA SER A 20 -15.36 4.10 4.52
CA SER A 20 -15.37 4.11 4.52
C SER A 20 -14.89 5.37 3.80
N TYR A 21 -14.00 6.13 4.41
CA TYR A 21 -13.72 7.45 3.88
C TYR A 21 -12.99 7.34 2.53
N LEU A 22 -13.36 8.21 1.60
CA LEU A 22 -12.52 8.50 0.45
C LEU A 22 -12.32 10.01 0.43
N GLU A 23 -11.08 10.43 0.44
CA GLU A 23 -10.71 11.84 0.46
C GLU A 23 -9.49 12.06 -0.44
N ALA A 24 -9.41 13.23 -1.02
CA ALA A 24 -8.43 13.54 -2.05
C ALA A 24 -7.70 14.81 -1.63
N TYR A 25 -6.38 14.75 -1.62
CA TYR A 25 -5.55 15.88 -1.28
C TYR A 25 -4.86 16.43 -2.51
N ASN A 26 -4.87 17.76 -2.63
CA ASN A 26 -4.30 18.44 -3.79
C ASN A 26 -2.97 19.06 -3.35
N PRO A 27 -1.82 18.48 -3.69
CA PRO A 27 -0.54 19.13 -3.33
C PRO A 27 -0.37 20.51 -3.92
N SER A 28 -1.06 20.83 -5.00
CA SER A 28 -0.83 22.17 -5.58
C SER A 28 -1.41 23.28 -4.71
N ASN A 29 -2.48 23.02 -3.91
CA ASN A 29 -3.07 24.11 -3.12
C ASN A 29 -3.35 23.76 -1.65
N GLY A 30 -2.98 22.57 -1.20
CA GLY A 30 -3.18 22.20 0.20
C GLY A 30 -4.57 21.66 0.56
N SER A 31 -5.52 21.68 -0.37
CA SER A 31 -6.91 21.40 -0.05
C SER A 31 -7.21 19.90 -0.03
N TRP A 32 -8.13 19.52 0.86
CA TRP A 32 -8.72 18.19 0.94
C TRP A 32 -10.17 18.23 0.49
N LEU A 33 -10.60 17.20 -0.24
CA LEU A 33 -11.97 17.04 -0.70
C LEU A 33 -12.50 15.69 -0.22
N ARG A 34 -13.67 15.68 0.40
CA ARG A 34 -14.31 14.43 0.76
C ARG A 34 -15.21 13.97 -0.39
N LEU A 35 -15.02 12.73 -0.81
CA LEU A 35 -15.71 12.14 -1.95
C LEU A 35 -16.57 10.96 -1.47
N ALA A 36 -17.18 10.27 -2.43
CA ALA A 36 -18.12 9.20 -2.11
C ALA A 36 -17.47 8.10 -1.24
N ASP A 37 -18.16 7.74 -0.14
CA ASP A 37 -17.75 6.65 0.73
C ASP A 37 -17.62 5.35 -0.06
N LEU A 38 -16.69 4.51 0.36
CA LEU A 38 -16.71 3.09 -0.01
C LEU A 38 -18.05 2.48 0.35
N GLN A 39 -18.48 1.49 -0.45
CA GLN A 39 -19.73 0.80 -0.16
C GLN A 39 -19.63 -0.01 1.12
N VAL A 40 -18.47 -0.57 1.40
CA VAL A 40 -18.19 -1.39 2.58
C VAL A 40 -16.97 -0.83 3.33
N PRO A 41 -17.05 -0.57 4.64
CA PRO A 41 -15.84 -0.12 5.33
C PRO A 41 -14.73 -1.14 5.22
N ARG A 42 -13.48 -0.65 5.11
CA ARG A 42 -12.37 -1.58 5.13
C ARG A 42 -11.06 -0.89 5.51
N SER A 43 -10.25 -1.61 6.28
CA SER A 43 -8.89 -1.26 6.65
C SER A 43 -7.97 -2.33 6.04
N GLY A 44 -6.67 -2.03 6.02
CA GLY A 44 -5.70 -2.97 5.55
C GLY A 44 -5.80 -3.28 4.07
N LEU A 45 -6.43 -2.40 3.29
CA LEU A 45 -6.56 -2.49 1.87
C LEU A 45 -5.41 -1.80 1.16
N ALA A 46 -5.37 -1.98 -0.16
CA ALA A 46 -4.42 -1.24 -0.98
C ALA A 46 -5.19 -0.52 -2.06
N GLY A 47 -4.60 0.60 -2.53
CA GLY A 47 -5.16 1.35 -3.62
C GLY A 47 -4.20 1.35 -4.76
N CYS A 48 -4.70 1.56 -5.96
CA CYS A 48 -3.86 1.75 -7.14
C CYS A 48 -4.74 2.35 -8.25
N VAL A 49 -4.10 2.83 -9.31
CA VAL A 49 -4.81 3.46 -10.43
C VAL A 49 -4.42 2.73 -11.71
N VAL A 50 -5.39 2.51 -12.59
CA VAL A 50 -5.18 1.99 -13.94
C VAL A 50 -6.15 2.71 -14.85
N GLY A 51 -5.61 3.34 -15.87
CA GLY A 51 -6.45 4.07 -16.85
C GLY A 51 -7.35 5.10 -16.25
N GLY A 52 -6.85 5.88 -15.31
CA GLY A 52 -7.69 6.90 -14.71
C GLY A 52 -8.74 6.41 -13.74
N LEU A 53 -8.77 5.12 -13.43
CA LEU A 53 -9.69 4.59 -12.43
C LEU A 53 -8.94 4.22 -11.16
N LEU A 54 -9.56 4.52 -10.03
CA LEU A 54 -9.02 4.18 -8.71
C LEU A 54 -9.56 2.81 -8.34
N TYR A 55 -8.69 1.97 -7.79
CA TYR A 55 -9.10 0.64 -7.33
C TYR A 55 -8.81 0.49 -5.87
N ALA A 56 -9.77 -0.06 -5.13
CA ALA A 56 -9.57 -0.45 -3.74
C ALA A 56 -9.63 -1.98 -3.67
N VAL A 57 -8.59 -2.59 -3.08
CA VAL A 57 -8.35 -4.03 -3.16
C VAL A 57 -8.16 -4.61 -1.77
N GLY A 58 -8.96 -5.63 -1.45
CA GLY A 58 -8.68 -6.39 -0.24
C GLY A 58 -9.05 -5.61 1.02
N GLY A 59 -8.37 -5.95 2.10
CA GLY A 59 -8.65 -5.36 3.41
C GLY A 59 -9.58 -6.22 4.26
N ARG A 60 -10.15 -5.56 5.27
CA ARG A 60 -11.01 -6.22 6.25
C ARG A 60 -11.96 -5.20 6.81
N ASN A 61 -13.19 -5.62 7.07
CA ASN A 61 -14.12 -4.78 7.80
C ASN A 61 -14.16 -5.22 9.25
N ASN A 62 -13.49 -4.45 10.12
CA ASN A 62 -13.49 -4.63 11.56
C ASN A 62 -14.64 -3.76 12.05
N SER A 63 -15.73 -4.38 12.48
CA SER A 63 -16.92 -3.63 12.85
C SER A 63 -17.47 -4.12 14.16
N PRO A 64 -18.41 -3.37 14.75
CA PRO A 64 -19.21 -3.95 15.88
C PRO A 64 -19.80 -5.32 15.58
N ASP A 65 -20.43 -5.51 14.40
CA ASP A 65 -21.21 -6.71 14.12
C ASP A 65 -20.38 -7.86 13.57
N GLY A 66 -19.09 -7.87 13.82
CA GLY A 66 -18.21 -8.93 13.35
C GLY A 66 -17.10 -8.39 12.46
N ASN A 67 -16.22 -9.29 12.10
CA ASN A 67 -15.03 -8.94 11.31
C ASN A 67 -14.99 -9.79 10.08
N THR A 68 -14.92 -9.16 8.90
CA THR A 68 -14.98 -9.87 7.65
C THR A 68 -13.78 -9.45 6.79
N ASP A 69 -12.88 -10.41 6.47
CA ASP A 69 -11.84 -10.15 5.50
C ASP A 69 -12.45 -9.99 4.15
N SER A 70 -11.83 -9.15 3.34
CA SER A 70 -12.39 -8.77 2.05
C SER A 70 -11.62 -9.37 0.89
N SER A 71 -12.34 -10.00 -0.03
CA SER A 71 -11.82 -10.35 -1.35
C SER A 71 -12.18 -9.32 -2.42
N ALA A 72 -12.74 -8.19 -2.02
CA ALA A 72 -13.37 -7.28 -2.95
C ALA A 72 -12.38 -6.45 -3.73
N LEU A 73 -12.77 -6.19 -4.98
CA LEU A 73 -12.13 -5.19 -5.82
C LEU A 73 -13.24 -4.21 -6.19
N ASP A 74 -13.04 -2.93 -5.85
CA ASP A 74 -13.99 -1.89 -6.18
C ASP A 74 -13.31 -0.76 -6.91
N CYS A 75 -14.07 -0.18 -7.84
CA CYS A 75 -13.55 0.77 -8.79
C CYS A 75 -14.22 2.11 -8.56
N TYR A 76 -13.42 3.19 -8.49
CA TYR A 76 -13.94 4.55 -8.34
C TYR A 76 -13.63 5.36 -9.59
N ASN A 77 -14.66 6.00 -10.15
CA ASN A 77 -14.51 6.80 -11.35
C ASN A 77 -14.50 8.27 -10.98
N PRO A 78 -13.38 8.96 -11.09
CA PRO A 78 -13.37 10.37 -10.67
C PRO A 78 -14.36 11.24 -11.41
N MET A 79 -14.64 10.93 -12.69
CA MET A 79 -15.57 11.75 -13.47
C MET A 79 -16.99 11.73 -12.90
N THR A 80 -17.39 10.61 -12.28
CA THR A 80 -18.75 10.43 -11.79
C THR A 80 -18.85 10.45 -10.28
N ASN A 81 -17.75 10.28 -9.56
CA ASN A 81 -17.78 10.17 -8.11
C ASN A 81 -18.60 8.98 -7.65
N GLN A 82 -18.45 7.85 -8.32
CA GLN A 82 -19.23 6.64 -8.02
C GLN A 82 -18.28 5.44 -7.96
N TRP A 83 -18.43 4.66 -6.89
CA TRP A 83 -17.82 3.35 -6.75
C TRP A 83 -18.68 2.29 -7.43
N SER A 84 -18.03 1.31 -8.07
CA SER A 84 -18.66 0.14 -8.69
C SER A 84 -17.90 -1.09 -8.26
N PRO A 85 -18.61 -2.18 -7.97
CA PRO A 85 -17.91 -3.45 -7.70
C PRO A 85 -17.27 -4.03 -8.97
N CYS A 86 -16.08 -4.59 -8.79
CA CYS A 86 -15.42 -5.35 -9.82
C CYS A 86 -15.36 -6.81 -9.37
N ALA A 87 -14.84 -7.66 -10.27
CA ALA A 87 -14.70 -9.06 -9.92
C ALA A 87 -13.92 -9.18 -8.62
N SER A 88 -14.41 -10.09 -7.75
CA SER A 88 -13.67 -10.40 -6.54
C SER A 88 -12.49 -11.31 -6.82
N MET A 89 -11.52 -11.27 -5.91
CA MET A 89 -10.37 -12.15 -5.93
C MET A 89 -10.77 -13.55 -5.50
N SER A 90 -9.83 -14.47 -5.73
CA SER A 90 -10.08 -15.88 -5.37
C SER A 90 -10.23 -16.08 -3.85
N VAL A 91 -9.73 -15.17 -3.05
CA VAL A 91 -9.54 -15.34 -1.63
C VAL A 91 -9.57 -14.00 -0.91
N PRO A 92 -10.08 -13.90 0.32
CA PRO A 92 -9.89 -12.63 1.07
C PRO A 92 -8.44 -12.37 1.36
N ARG A 93 -8.05 -11.09 1.29
CA ARG A 93 -6.69 -10.66 1.59
C ARG A 93 -6.69 -9.36 2.42
N ASN A 94 -6.63 -9.52 3.75
CA ASN A 94 -6.36 -8.40 4.66
C ASN A 94 -4.85 -8.13 4.72
N ARG A 95 -4.50 -6.85 4.89
CA ARG A 95 -3.06 -6.43 4.94
C ARG A 95 -2.36 -6.86 3.63
N ILE A 96 -3.01 -6.54 2.52
CA ILE A 96 -2.59 -6.91 1.17
C ILE A 96 -1.53 -5.92 0.66
N GLY A 97 -0.82 -6.34 -0.36
CA GLY A 97 0.05 -5.41 -1.14
C GLY A 97 -0.32 -5.49 -2.60
N VAL A 98 -0.26 -4.34 -3.29
CA VAL A 98 -0.65 -4.30 -4.69
C VAL A 98 0.44 -3.62 -5.52
N GLY A 99 0.55 -4.04 -6.78
CA GLY A 99 1.36 -3.30 -7.75
C GLY A 99 0.74 -3.45 -9.13
N VAL A 100 1.07 -2.51 -9.99
CA VAL A 100 0.51 -2.44 -11.35
C VAL A 100 1.64 -2.58 -12.35
N ILE A 101 1.47 -3.52 -13.32
CA ILE A 101 2.40 -3.67 -14.45
C ILE A 101 1.59 -3.79 -15.74
N ASP A 102 1.92 -2.96 -16.72
CA ASP A 102 1.34 -3.11 -18.06
C ASP A 102 -0.18 -3.14 -17.93
N GLY A 103 -0.70 -2.27 -17.07
CA GLY A 103 -2.17 -2.15 -16.92
C GLY A 103 -2.85 -3.27 -16.18
N HIS A 104 -2.09 -4.17 -15.56
CA HIS A 104 -2.64 -5.27 -14.78
C HIS A 104 -2.33 -5.05 -13.31
N ILE A 105 -3.27 -5.40 -12.46
CA ILE A 105 -3.13 -5.24 -11.03
C ILE A 105 -2.67 -6.56 -10.44
N TYR A 106 -1.59 -6.53 -9.67
CA TYR A 106 -1.17 -7.72 -8.93
C TYR A 106 -1.51 -7.58 -7.46
N ALA A 107 -2.23 -8.55 -6.94
CA ALA A 107 -2.60 -8.64 -5.53
C ALA A 107 -1.68 -9.67 -4.87
N VAL A 108 -0.99 -9.26 -3.84
CA VAL A 108 0.06 -10.05 -3.21
C VAL A 108 -0.27 -10.30 -1.73
N GLY A 109 -0.30 -11.57 -1.36
CA GLY A 109 -0.23 -11.94 0.03
C GLY A 109 -1.49 -11.56 0.81
N GLY A 110 -1.27 -11.14 2.05
CA GLY A 110 -2.36 -10.78 2.95
C GLY A 110 -2.93 -11.99 3.68
N SER A 111 -3.93 -11.76 4.55
CA SER A 111 -4.45 -12.82 5.37
C SER A 111 -5.96 -13.03 5.21
N HIS A 112 -6.39 -14.25 5.51
CA HIS A 112 -7.80 -14.60 5.67
C HIS A 112 -7.92 -15.40 6.95
N GLY A 113 -8.54 -14.81 8.00
CA GLY A 113 -8.47 -15.42 9.33
C GLY A 113 -7.02 -15.66 9.73
N CYS A 114 -6.72 -16.87 10.21
CA CYS A 114 -5.33 -17.22 10.50
C CYS A 114 -4.52 -17.71 9.28
N ILE A 115 -5.05 -17.68 8.07
CA ILE A 115 -4.26 -18.06 6.90
C ILE A 115 -3.44 -16.86 6.44
N HIS A 116 -2.13 -17.04 6.34
CA HIS A 116 -1.24 -16.06 5.75
C HIS A 116 -0.88 -16.55 4.35
N HIS A 117 -1.32 -15.79 3.34
CA HIS A 117 -1.15 -16.18 1.96
C HIS A 117 0.26 -15.94 1.46
N SER A 118 0.76 -16.93 0.69
CA SER A 118 1.87 -16.64 -0.24
C SER A 118 1.36 -16.41 -1.65
N SER A 119 0.06 -16.72 -1.90
CA SER A 119 -0.50 -16.67 -3.23
C SER A 119 -0.56 -15.25 -3.75
N VAL A 120 -0.61 -15.15 -5.10
CA VAL A 120 -0.61 -13.89 -5.85
C VAL A 120 -1.57 -14.05 -7.02
N GLU A 121 -2.32 -12.99 -7.30
CA GLU A 121 -3.20 -13.06 -8.47
C GLU A 121 -3.19 -11.75 -9.22
N ARG A 122 -3.57 -11.83 -10.49
CA ARG A 122 -3.46 -10.71 -11.41
C ARG A 122 -4.81 -10.39 -12.00
N TYR A 123 -5.17 -9.12 -11.95
CA TYR A 123 -6.42 -8.62 -12.52
C TYR A 123 -6.18 -7.93 -13.86
N GLU A 124 -7.03 -8.24 -14.85
CA GLU A 124 -7.00 -7.61 -16.15
C GLU A 124 -8.24 -6.75 -16.32
N PRO A 125 -8.13 -5.43 -16.25
CA PRO A 125 -9.32 -4.59 -16.36
C PRO A 125 -10.09 -4.80 -17.64
N GLU A 126 -9.45 -5.14 -18.75
CA GLU A 126 -10.19 -5.29 -20.00
C GLU A 126 -11.09 -6.51 -19.99
N ARG A 127 -10.88 -7.47 -19.08
CA ARG A 127 -11.72 -8.64 -18.98
C ARG A 127 -12.47 -8.74 -17.64
N ASP A 128 -12.18 -7.85 -16.69
CA ASP A 128 -12.78 -7.91 -15.35
C ASP A 128 -12.64 -9.32 -14.77
N GLU A 129 -11.41 -9.85 -14.81
CA GLU A 129 -11.15 -11.19 -14.35
C GLU A 129 -9.81 -11.26 -13.64
N TRP A 130 -9.78 -12.08 -12.59
CA TRP A 130 -8.57 -12.36 -11.84
C TRP A 130 -8.03 -13.75 -12.18
N HIS A 131 -6.70 -13.87 -12.35
CA HIS A 131 -6.05 -15.18 -12.51
C HIS A 131 -4.91 -15.32 -11.51
N LEU A 132 -4.77 -16.50 -10.91
CA LEU A 132 -3.64 -16.74 -10.02
C LEU A 132 -2.34 -16.84 -10.83
N VAL A 133 -1.26 -16.30 -10.30
CA VAL A 133 0.08 -16.53 -10.89
C VAL A 133 0.92 -17.31 -9.89
N ALA A 134 2.23 -17.39 -10.12
CA ALA A 134 3.09 -18.13 -9.22
C ALA A 134 3.03 -17.49 -7.83
N PRO A 135 2.98 -18.29 -6.77
CA PRO A 135 3.07 -17.72 -5.42
C PRO A 135 4.48 -17.29 -5.03
N MET A 136 4.53 -16.37 -4.08
CA MET A 136 5.77 -15.93 -3.52
C MET A 136 6.44 -17.08 -2.80
N LEU A 137 7.74 -16.94 -2.60
CA LEU A 137 8.53 -17.91 -1.86
C LEU A 137 8.21 -17.91 -0.35
N THR A 138 7.49 -16.90 0.13
CA THR A 138 7.24 -16.69 1.57
C THR A 138 5.82 -16.19 1.74
N ARG A 139 5.13 -16.70 2.76
CA ARG A 139 3.86 -16.06 3.14
C ARG A 139 4.13 -14.64 3.65
N ARG A 140 3.34 -13.67 3.20
CA ARG A 140 3.53 -12.29 3.64
C ARG A 140 2.22 -11.57 3.78
N ILE A 141 1.96 -11.02 4.98
CA ILE A 141 0.90 -10.03 5.18
C ILE A 141 1.61 -8.78 5.69
N GLY A 142 0.96 -7.65 5.52
CA GLY A 142 1.57 -6.38 5.79
C GLY A 142 2.78 -6.20 4.90
N VAL A 143 2.73 -6.77 3.71
CA VAL A 143 3.79 -6.72 2.72
C VAL A 143 3.69 -5.41 1.98
N GLY A 144 4.86 -4.89 1.59
CA GLY A 144 4.94 -3.70 0.75
C GLY A 144 5.25 -4.15 -0.66
N VAL A 145 4.64 -3.52 -1.63
CA VAL A 145 4.82 -3.94 -3.02
C VAL A 145 5.13 -2.71 -3.89
N ALA A 146 6.10 -2.83 -4.79
CA ALA A 146 6.31 -1.77 -5.77
C ALA A 146 6.82 -2.39 -7.06
N VAL A 147 6.79 -1.57 -8.11
CA VAL A 147 7.13 -1.96 -9.50
C VAL A 147 8.19 -1.04 -10.02
N LEU A 148 9.19 -1.63 -10.69
CA LEU A 148 10.25 -0.90 -11.33
C LEU A 148 10.71 -1.70 -12.55
N ASN A 149 10.77 -1.03 -13.68
CA ASN A 149 11.24 -1.64 -14.93
C ASN A 149 10.53 -2.98 -15.19
N ARG A 150 9.21 -2.93 -15.02
CA ARG A 150 8.30 -4.04 -15.30
C ARG A 150 8.60 -5.29 -14.49
N LEU A 151 9.17 -5.12 -13.30
CA LEU A 151 9.39 -6.16 -12.34
C LEU A 151 8.66 -5.80 -11.04
N LEU A 152 8.12 -6.80 -10.36
CA LEU A 152 7.35 -6.57 -9.13
C LEU A 152 8.14 -7.01 -7.91
N TYR A 153 8.13 -6.18 -6.87
CA TYR A 153 8.86 -6.46 -5.65
C TYR A 153 7.90 -6.57 -4.46
N ALA A 154 8.11 -7.61 -3.65
CA ALA A 154 7.39 -7.82 -2.38
C ALA A 154 8.43 -7.67 -1.26
N VAL A 155 8.14 -6.79 -0.30
CA VAL A 155 9.12 -6.36 0.68
C VAL A 155 8.53 -6.48 2.09
N GLY A 156 9.20 -7.26 2.95
CA GLY A 156 8.85 -7.28 4.35
C GLY A 156 7.60 -8.09 4.61
N GLY A 157 6.92 -7.75 5.68
CA GLY A 157 5.68 -8.36 6.10
C GLY A 157 5.82 -9.29 7.26
N PHE A 158 4.84 -10.19 7.37
CA PHE A 158 4.75 -11.16 8.48
C PHE A 158 4.25 -12.48 7.88
N ASP A 159 4.94 -13.58 8.22
CA ASP A 159 4.62 -14.87 7.61
C ASP A 159 3.72 -15.73 8.49
N GLY A 160 3.25 -15.21 9.62
CA GLY A 160 2.43 -15.96 10.57
C GLY A 160 3.18 -16.32 11.83
N THR A 161 4.51 -16.24 11.80
CA THR A 161 5.34 -16.53 12.97
C THR A 161 6.35 -15.42 13.16
N ASN A 162 7.04 -15.05 12.08
CA ASN A 162 8.11 -14.07 12.12
C ASN A 162 7.80 -12.87 11.25
N ARG A 163 8.19 -11.67 11.73
CA ARG A 163 8.25 -10.49 10.87
C ARG A 163 9.56 -10.50 10.10
N LEU A 164 9.54 -9.91 8.91
CA LEU A 164 10.51 -10.20 7.88
C LEU A 164 11.33 -8.99 7.46
N ASN A 165 12.63 -9.21 7.25
CA ASN A 165 13.43 -8.27 6.50
C ASN A 165 13.62 -8.71 5.04
N SER A 166 13.08 -9.86 4.67
CA SER A 166 13.32 -10.44 3.36
C SER A 166 12.48 -9.73 2.32
N ALA A 167 12.91 -9.90 1.06
CA ALA A 167 12.19 -9.35 -0.08
C ALA A 167 12.43 -10.26 -1.27
N GLU A 168 11.52 -10.18 -2.24
CA GLU A 168 11.64 -11.03 -3.43
C GLU A 168 11.08 -10.27 -4.62
N CYS A 169 11.49 -10.71 -5.81
CA CYS A 169 11.16 -10.03 -7.05
C CYS A 169 10.45 -11.04 -7.94
N TYR A 170 9.44 -10.57 -8.65
CA TYR A 170 8.67 -11.38 -9.59
C TYR A 170 9.00 -10.96 -11.03
N TYR A 171 9.33 -11.94 -11.85
CA TYR A 171 9.71 -11.75 -13.25
C TYR A 171 8.58 -12.25 -14.13
N PRO A 172 7.72 -11.36 -14.65
CA PRO A 172 6.46 -11.83 -15.26
C PRO A 172 6.66 -12.82 -16.40
N GLU A 173 7.61 -12.58 -17.29
CA GLU A 173 7.74 -13.42 -18.45
C GLU A 173 8.32 -14.78 -18.08
N ARG A 174 8.79 -14.95 -16.85
CA ARG A 174 9.18 -16.27 -16.37
C ARG A 174 8.18 -16.82 -15.34
N ASN A 175 7.19 -16.03 -14.95
CA ASN A 175 6.24 -16.37 -13.89
C ASN A 175 6.96 -17.01 -12.71
N GLU A 176 7.94 -16.26 -12.21
CA GLU A 176 8.90 -16.81 -11.27
C GLU A 176 9.28 -15.74 -10.27
N TRP A 177 9.34 -16.12 -8.97
CA TRP A 177 9.79 -15.27 -7.88
C TRP A 177 11.24 -15.63 -7.51
N ARG A 178 12.07 -14.61 -7.24
CA ARG A 178 13.43 -14.83 -6.73
C ARG A 178 13.71 -13.91 -5.55
N MET A 179 14.42 -14.41 -4.56
CA MET A 179 14.82 -13.60 -3.41
C MET A 179 15.78 -12.50 -3.86
N ILE A 180 15.62 -11.30 -3.29
CA ILE A 180 16.65 -10.27 -3.44
C ILE A 180 17.31 -10.05 -2.10
N THR A 181 18.28 -9.15 -2.07
CA THR A 181 18.97 -8.80 -0.84
C THR A 181 17.94 -8.44 0.23
N PRO A 182 18.07 -8.97 1.44
CA PRO A 182 17.20 -8.51 2.53
C PRO A 182 17.48 -7.07 2.96
N MET A 183 16.42 -6.40 3.40
CA MET A 183 16.61 -5.13 4.07
C MET A 183 17.49 -5.24 5.29
N ASN A 184 17.97 -4.09 5.78
CA ASN A 184 18.74 -4.02 7.01
C ASN A 184 17.86 -3.98 8.24
N THR A 185 16.53 -3.91 8.10
CA THR A 185 15.59 -3.78 9.20
C THR A 185 14.42 -4.72 8.93
N ILE A 186 13.95 -5.37 9.99
CA ILE A 186 12.71 -6.11 9.93
C ILE A 186 11.57 -5.12 9.87
N ARG A 187 10.69 -5.26 8.87
CA ARG A 187 9.54 -4.36 8.73
C ARG A 187 8.30 -5.13 8.32
N SER A 188 7.25 -5.04 9.14
CA SER A 188 5.89 -5.37 8.78
C SER A 188 5.09 -4.08 8.69
N GLY A 189 4.20 -3.97 7.69
CA GLY A 189 3.41 -2.75 7.56
C GLY A 189 4.15 -1.48 7.17
N ALA A 190 5.26 -1.60 6.45
CA ALA A 190 5.98 -0.47 5.93
C ALA A 190 5.28 0.07 4.69
N GLY A 191 5.54 1.33 4.39
CA GLY A 191 5.12 1.90 3.11
C GLY A 191 6.22 1.61 2.12
N VAL A 192 5.87 1.05 0.96
CA VAL A 192 6.88 0.67 -0.05
C VAL A 192 6.49 1.29 -1.37
N CYS A 193 7.45 2.01 -2.00
CA CYS A 193 7.16 2.63 -3.30
C CYS A 193 8.46 2.73 -4.12
N VAL A 194 8.34 3.28 -5.32
CA VAL A 194 9.51 3.42 -6.18
C VAL A 194 9.73 4.89 -6.48
N LEU A 195 11.00 5.27 -6.49
CA LEU A 195 11.42 6.59 -6.98
C LEU A 195 12.77 6.49 -7.67
N HIS A 196 12.83 6.99 -8.88
CA HIS A 196 14.00 6.84 -9.75
C HIS A 196 14.30 5.35 -9.87
N ASN A 197 15.46 4.88 -9.48
CA ASN A 197 15.88 3.50 -9.69
C ASN A 197 15.89 2.75 -8.39
N CYS A 198 15.14 3.20 -7.39
CA CYS A 198 15.21 2.62 -6.07
C CYS A 198 13.80 2.26 -5.57
N ILE A 199 13.78 1.17 -4.80
CA ILE A 199 12.61 0.77 -4.03
C ILE A 199 12.79 1.27 -2.61
N TYR A 200 11.86 2.06 -2.14
CA TYR A 200 11.92 2.62 -0.80
C TYR A 200 11.04 1.81 0.13
N ALA A 201 11.52 1.61 1.35
CA ALA A 201 10.76 1.05 2.43
C ALA A 201 10.79 2.01 3.64
N ALA A 202 9.62 2.54 4.01
CA ALA A 202 9.53 3.57 5.04
C ALA A 202 8.69 3.03 6.20
N GLY A 203 9.22 3.18 7.42
CA GLY A 203 8.45 2.85 8.61
C GLY A 203 8.14 1.36 8.71
N GLY A 204 7.07 1.07 9.42
CA GLY A 204 6.69 -0.30 9.69
C GLY A 204 6.91 -0.65 11.14
N TYR A 205 6.80 -1.95 11.42
CA TYR A 205 6.81 -2.55 12.75
C TYR A 205 7.83 -3.67 12.70
N ASP A 206 8.76 -3.68 13.66
CA ASP A 206 9.87 -4.64 13.62
C ASP A 206 9.70 -5.74 14.64
N GLY A 207 8.52 -5.87 15.26
CA GLY A 207 8.26 -6.79 16.36
C GLY A 207 8.17 -6.11 17.72
N GLN A 208 8.91 -5.04 17.93
CA GLN A 208 8.97 -4.36 19.21
C GLN A 208 8.51 -2.92 19.16
N ASP A 209 8.83 -2.18 18.09
CA ASP A 209 8.55 -0.76 18.01
C ASP A 209 8.13 -0.38 16.60
N GLN A 210 7.28 0.64 16.49
CA GLN A 210 7.04 1.27 15.20
C GLN A 210 8.26 2.09 14.81
N LEU A 211 8.56 2.12 13.54
CA LEU A 211 9.81 2.63 12.99
C LEU A 211 9.61 3.97 12.28
N ASN A 212 10.64 4.81 12.32
CA ASN A 212 10.75 6.02 11.52
C ASN A 212 11.83 5.91 10.43
N SER A 213 12.59 4.82 10.42
CA SER A 213 13.74 4.69 9.50
C SER A 213 13.19 4.40 8.13
N VAL A 214 14.00 4.70 7.14
CA VAL A 214 13.67 4.58 5.77
C VAL A 214 14.91 4.06 5.04
N GLU A 215 14.70 3.07 4.18
CA GLU A 215 15.83 2.55 3.40
C GLU A 215 15.39 2.27 1.98
N ARG A 216 16.38 2.20 1.09
CA ARG A 216 16.05 2.11 -0.32
C ARG A 216 17.02 1.12 -0.97
N TYR A 217 16.48 0.41 -1.93
CA TYR A 217 17.14 -0.70 -2.62
C TYR A 217 17.44 -0.22 -4.01
N ASP A 218 18.71 -0.15 -4.35
CA ASP A 218 19.12 0.21 -5.69
C ASP A 218 19.17 -1.06 -6.51
N VAL A 219 18.30 -1.16 -7.54
CA VAL A 219 18.21 -2.44 -8.24
C VAL A 219 19.52 -2.76 -8.95
N GLU A 220 20.28 -1.74 -9.34
CA GLU A 220 21.52 -2.01 -10.07
C GLU A 220 22.62 -2.55 -9.15
N THR A 221 22.73 -1.99 -7.95
CA THR A 221 23.75 -2.41 -6.99
C THR A 221 23.28 -3.52 -6.05
N GLU A 222 21.98 -3.74 -5.97
CA GLU A 222 21.43 -4.79 -5.11
C GLU A 222 21.74 -4.56 -3.62
N THR A 223 21.89 -3.33 -3.20
CA THR A 223 22.16 -3.01 -1.81
C THR A 223 21.10 -2.07 -1.30
N TRP A 224 20.85 -2.17 0.01
CA TRP A 224 19.93 -1.28 0.74
C TRP A 224 20.76 -0.24 1.51
N THR A 225 20.36 1.03 1.41
CA THR A 225 20.97 2.15 2.09
C THR A 225 19.88 2.91 2.85
N PHE A 226 20.15 3.25 4.09
CA PHE A 226 19.22 4.12 4.84
C PHE A 226 19.30 5.55 4.30
N VAL A 227 18.15 6.21 4.22
CA VAL A 227 18.13 7.67 3.99
C VAL A 227 17.65 8.35 5.28
N ALA A 228 17.31 9.63 5.18
CA ALA A 228 16.87 10.35 6.37
C ALA A 228 15.60 9.69 6.94
N PRO A 229 15.45 9.61 8.25
CA PRO A 229 14.20 9.04 8.80
C PRO A 229 13.05 10.04 8.76
N MET A 230 11.83 9.51 8.76
CA MET A 230 10.64 10.33 8.87
C MET A 230 10.60 11.01 10.24
N ARG A 231 9.81 12.09 10.32
CA ARG A 231 9.65 12.81 11.58
C ARG A 231 8.86 12.01 12.59
N HIS A 232 7.96 11.11 12.13
CA HIS A 232 7.11 10.33 13.03
C HIS A 232 7.27 8.83 12.75
N HIS A 233 7.51 8.07 13.81
CA HIS A 233 7.45 6.64 13.72
C HIS A 233 6.04 6.25 13.32
N ARG A 234 5.93 5.30 12.39
CA ARG A 234 4.60 4.87 11.97
C ARG A 234 4.61 3.50 11.30
N SER A 235 3.61 2.68 11.60
CA SER A 235 3.35 1.47 10.82
C SER A 235 1.94 1.55 10.25
N ALA A 236 1.68 0.71 9.25
CA ALA A 236 0.42 0.69 8.51
C ALA A 236 0.13 2.10 7.96
N LEU A 237 1.16 2.73 7.46
CA LEU A 237 1.02 3.99 6.71
C LEU A 237 0.62 3.75 5.26
N GLY A 238 0.10 4.82 4.64
CA GLY A 238 -0.15 4.83 3.22
C GLY A 238 1.02 5.58 2.59
N ILE A 239 1.43 5.15 1.41
CA ILE A 239 2.52 5.85 0.70
C ILE A 239 2.14 6.03 -0.76
N THR A 240 2.67 7.10 -1.38
CA THR A 240 2.61 7.21 -2.83
C THR A 240 3.70 8.19 -3.25
N VAL A 241 3.87 8.31 -4.57
CA VAL A 241 4.82 9.24 -5.17
C VAL A 241 4.01 10.19 -6.01
N HIS A 242 4.40 11.47 -5.98
CA HIS A 242 3.71 12.54 -6.69
C HIS A 242 4.80 13.53 -7.06
N GLN A 243 5.00 13.74 -8.35
CA GLN A 243 6.01 14.67 -8.88
C GLN A 243 7.35 14.54 -8.20
N GLY A 244 7.88 13.31 -8.17
CA GLY A 244 9.22 13.03 -7.74
C GLY A 244 9.46 13.05 -6.25
N LYS A 245 8.40 13.14 -5.45
CA LYS A 245 8.51 13.12 -4.01
C LYS A 245 7.62 12.04 -3.42
N ILE A 246 8.05 11.49 -2.30
CA ILE A 246 7.31 10.47 -1.58
C ILE A 246 6.39 11.18 -0.57
N TYR A 247 5.11 10.75 -0.54
CA TYR A 247 4.20 11.17 0.50
C TYR A 247 3.85 9.95 1.35
N VAL A 248 3.88 10.14 2.68
CA VAL A 248 3.43 9.15 3.63
C VAL A 248 2.27 9.73 4.41
N LEU A 249 1.23 8.90 4.56
CA LEU A 249 -0.07 9.32 5.11
C LEU A 249 -0.52 8.43 6.25
N GLY A 250 -0.70 9.02 7.43
CA GLY A 250 -1.31 8.33 8.54
C GLY A 250 -0.40 7.26 9.11
N GLY A 251 -1.01 6.28 9.72
CA GLY A 251 -0.30 5.20 10.38
C GLY A 251 -0.55 5.19 11.88
N TYR A 252 0.09 4.21 12.53
CA TYR A 252 -0.04 4.03 13.97
C TYR A 252 1.36 4.09 14.56
N ASP A 253 1.54 4.91 15.62
CA ASP A 253 2.87 5.15 16.17
C ASP A 253 3.06 4.51 17.53
N GLY A 254 2.16 3.63 17.94
CA GLY A 254 2.18 3.01 19.24
C GLY A 254 1.43 3.77 20.32
N HIS A 255 0.84 4.93 19.98
CA HIS A 255 0.21 5.81 20.94
C HIS A 255 -1.02 6.44 20.30
N THR A 256 -0.91 6.82 19.05
CA THR A 256 -1.93 7.59 18.36
C THR A 256 -2.05 7.11 16.91
N PHE A 257 -3.27 7.14 16.39
CA PHE A 257 -3.48 7.03 14.96
C PHE A 257 -3.25 8.39 14.34
N LEU A 258 -2.24 8.47 13.48
CA LEU A 258 -1.70 9.73 12.99
C LEU A 258 -2.55 10.34 11.89
N ASP A 259 -2.77 11.67 11.98
CA ASP A 259 -3.24 12.41 10.81
C ASP A 259 -2.09 13.02 10.01
N SER A 260 -0.86 12.91 10.50
CA SER A 260 0.29 13.55 9.85
C SER A 260 0.49 13.03 8.44
N VAL A 261 0.77 13.94 7.49
CA VAL A 261 1.25 13.58 6.15
C VAL A 261 2.60 14.26 5.97
N GLU A 262 3.61 13.46 5.62
CA GLU A 262 4.98 13.92 5.41
C GLU A 262 5.40 13.71 3.94
N CYS A 263 6.34 14.52 3.49
CA CYS A 263 6.80 14.54 2.12
C CYS A 263 8.32 14.46 2.11
N TYR A 264 8.85 13.52 1.38
CA TYR A 264 10.30 13.31 1.26
C TYR A 264 10.82 13.83 -0.08
N ASP A 265 11.79 14.73 -0.01
CA ASP A 265 12.49 15.31 -1.16
C ASP A 265 13.82 14.57 -1.32
N PRO A 266 14.01 13.76 -2.36
CA PRO A 266 15.25 12.97 -2.43
C PRO A 266 16.48 13.79 -2.74
N ASP A 267 16.32 14.99 -3.28
CA ASP A 267 17.45 15.82 -3.62
C ASP A 267 18.08 16.44 -2.37
N SER A 268 17.25 16.87 -1.42
CA SER A 268 17.75 17.41 -0.14
C SER A 268 17.82 16.34 0.95
N ASP A 269 17.27 15.16 0.71
CA ASP A 269 17.25 14.08 1.70
C ASP A 269 16.63 14.55 3.01
N THR A 270 15.47 15.23 2.88
CA THR A 270 14.72 15.73 4.02
C THR A 270 13.22 15.40 3.88
N TRP A 271 12.60 15.19 5.03
CA TRP A 271 11.17 15.07 5.17
C TRP A 271 10.59 16.36 5.76
N SER A 272 9.42 16.74 5.28
CA SER A 272 8.68 17.83 5.92
C SER A 272 7.23 17.40 6.07
N GLU A 273 6.56 17.98 7.06
CA GLU A 273 5.10 17.82 7.21
C GLU A 273 4.44 18.73 6.20
N VAL A 274 3.50 18.25 5.43
CA VAL A 274 2.88 19.05 4.39
C VAL A 274 1.42 19.31 4.62
N THR A 275 0.72 18.46 5.38
CA THR A 275 -0.69 18.60 5.65
C THR A 275 -1.03 17.58 6.72
N ARG A 276 -2.28 17.64 7.17
CA ARG A 276 -2.84 16.65 8.08
C ARG A 276 -4.10 16.11 7.40
N MET A 277 -4.28 14.82 7.48
CA MET A 277 -5.58 14.25 7.11
C MET A 277 -6.66 14.84 8.03
N THR A 278 -7.93 14.73 7.58
CA THR A 278 -9.01 15.28 8.36
C THR A 278 -9.20 14.54 9.69
N SER A 279 -8.68 13.33 9.82
CA SER A 279 -8.66 12.62 11.08
C SER A 279 -7.58 11.54 11.06
N GLY A 280 -7.08 11.17 12.24
CA GLY A 280 -6.07 10.11 12.27
C GLY A 280 -6.65 8.74 11.95
N ARG A 281 -5.82 7.93 11.32
CA ARG A 281 -6.19 6.62 10.80
C ARG A 281 -4.95 5.87 10.31
N SER A 282 -5.02 4.56 10.36
CA SER A 282 -3.97 3.71 9.77
C SER A 282 -4.61 2.74 8.76
N GLY A 283 -3.76 2.01 8.06
CA GLY A 283 -4.24 0.99 7.13
C GLY A 283 -5.03 1.50 5.93
N VAL A 284 -4.66 2.68 5.41
CA VAL A 284 -5.40 3.26 4.30
C VAL A 284 -4.83 2.69 3.01
N GLY A 285 -5.62 2.79 1.94
CA GLY A 285 -5.15 2.61 0.58
C GLY A 285 -4.95 3.96 -0.07
N VAL A 286 -3.86 4.11 -0.85
CA VAL A 286 -3.52 5.41 -1.42
C VAL A 286 -3.23 5.25 -2.91
N ALA A 287 -3.66 6.21 -3.70
CA ALA A 287 -3.19 6.25 -5.08
C ALA A 287 -3.34 7.66 -5.61
N VAL A 288 -2.78 7.88 -6.82
CA VAL A 288 -2.77 9.19 -7.44
C VAL A 288 -3.43 9.10 -8.79
N THR A 289 -4.38 10.00 -9.07
CA THR A 289 -4.98 10.11 -10.39
C THR A 289 -5.56 11.52 -10.55
N MET A 290 -6.36 11.69 -11.60
CA MET A 290 -7.00 12.94 -11.95
C MET A 290 -7.95 13.42 -10.85
N GLU A 291 -8.32 14.65 -10.96
CA GLU A 291 -9.23 15.40 -10.11
C GLU A 291 -10.67 15.11 -10.51
N PRO A 292 -11.59 14.94 -9.53
CA PRO A 292 -12.96 14.53 -9.92
C PRO A 292 -13.90 15.66 -10.32
C1 VCQ B . -1.26 -1.71 12.92
C10 VCQ B . -3.87 -2.54 9.70
C11 VCQ B . -5.20 -2.20 9.70
C12 VCQ B . -5.73 -1.56 10.79
C13 VCQ B . -4.93 -1.25 11.88
C2 VCQ B . -2.71 -1.20 13.08
C3 VCQ B . -3.15 -1.72 14.42
C4 VCQ B . -4.62 -1.80 14.86
C5 VCQ B . -4.56 -2.13 16.36
C6 VCQ B . -3.47 -1.24 16.86
C7 VCQ B . -2.66 -0.84 15.62
C8 VCQ B . -3.59 -1.61 11.91
C9 VCQ B . -3.07 -2.24 10.80
O1 VCQ B . -1.08 -2.94 12.90
O2 VCQ B . -0.36 -0.86 12.83
O3 VCQ B . -2.69 0.20 13.15
H12 VCQ B . -3.51 -3.00 8.96
H13 VCQ B . -5.74 -2.40 8.95
H14 VCQ B . -6.65 -1.33 10.80
H15 VCQ B . -5.31 -0.79 12.61
H1 VCQ B . -2.83 -2.66 14.36
H2 VCQ B . -5.07 -0.93 14.72
H3 VCQ B . -5.11 -2.50 14.37
H5 VCQ B . -5.42 -1.92 16.81
H4 VCQ B . -4.35 -3.08 16.51
H6 VCQ B . -2.89 -1.72 17.51
H7 VCQ B . -3.83 -0.44 17.30
H9 VCQ B . -1.69 -1.00 15.77
H8 VCQ B . -2.80 0.11 15.42
H11 VCQ B . -2.16 -2.47 10.78
H10 VCQ B . -2.27 0.51 12.47
#